data_3IFN
#
_entry.id   3IFN
#
_cell.length_a   42.99
_cell.length_b   87.01
_cell.length_c   58.99
_cell.angle_alpha   90.00
_cell.angle_beta   95.77
_cell.angle_gamma   90.00
#
_symmetry.space_group_name_H-M   'P 1 21 1'
#
loop_
_entity.id
_entity.type
_entity.pdbx_description
1 polymer '12A11 FAB antibody heavy chain'
2 polymer '12A11 FAB antibody light chain'
3 polymer 'Amyloid beta A4 protein'
4 water water
#
loop_
_entity_poly.entity_id
_entity_poly.type
_entity_poly.pdbx_seq_one_letter_code
_entity_poly.pdbx_strand_id
1 'polypeptide(L)'
;QVTLKESGPGILKPSQTLSLTCSFSGFSLSTSGMSVGWIRQPSGKGLEWLAHIWWDDDKYYNPSLKSRLTISKDTSRNQV
FLKITSVDTADTATYYCARRTTTADYFAYWGQGTTLTVSSAKTTPPSVYPLAPGSAAQTNSMVTLGCLVKGYFPEPVTVT
WNSGSLSSGVHTFPAVLQSDLYTLSSSVTVPSSTWPSETVTCNVAHPASSTKVDKKIVPRDC
;
H
2 'polypeptide(L)'
;DVLMTQTPLSLPVSLGDQASISCRSSQSIVHSNGNTYLEWYLQKPGQSPKLLIYKVSNRFSGVPDRFSGSGSGTDFTLKI
SRVEAEDLGIYYCFQSSHVPLTFGAGTKLELKGADAAPTVSIFPPSSEQLTSGGASVVCFLNNFYPKDINVKWKIDGSER
QNGVLNSWTDQDSKDSTYSMSSTLTLTKDEYERHNSYTCEATHKTSTSPIVKSFNRNEC
;
L
3 'polypeptide(L)' DAEFRHDSGYEVHHQKLVFFAEDVGSNKGAIIGLMVGGVV P
#
# COMPACT_ATOMS: atom_id res chain seq x y z
N GLN A 1 -20.48 11.78 -21.71
CA GLN A 1 -20.16 11.33 -20.36
C GLN A 1 -18.93 12.07 -19.83
N VAL A 2 -18.91 12.31 -18.53
CA VAL A 2 -17.75 12.95 -17.91
C VAL A 2 -16.64 11.93 -17.70
N THR A 3 -15.46 12.22 -18.26
CA THR A 3 -14.30 11.38 -18.07
C THR A 3 -13.06 12.21 -17.86
N LEU A 4 -12.13 11.68 -17.08
CA LEU A 4 -10.82 12.28 -16.86
CA LEU A 4 -10.83 12.28 -16.90
C LEU A 4 -9.77 11.22 -17.13
N LYS A 5 -8.71 11.59 -17.83
CA LYS A 5 -7.66 10.64 -18.18
CA LYS A 5 -7.66 10.63 -18.18
C LYS A 5 -6.27 11.22 -17.95
N GLU A 6 -5.59 10.71 -16.93
CA GLU A 6 -4.24 11.17 -16.63
C GLU A 6 -3.19 10.48 -17.49
N SER A 7 -2.17 11.23 -17.87
CA SER A 7 -1.00 10.66 -18.51
C SER A 7 0.27 11.30 -17.96
N GLY A 8 1.38 10.57 -18.04
CA GLY A 8 2.64 11.03 -17.50
C GLY A 8 3.79 10.22 -18.09
N PRO A 9 5.02 10.51 -17.63
CA PRO A 9 6.23 9.91 -18.21
C PRO A 9 6.55 8.52 -17.69
N GLY A 10 5.82 8.04 -16.68
CA GLY A 10 6.01 6.69 -16.16
C GLY A 10 7.18 6.56 -15.19
N ILE A 11 8.35 7.00 -15.62
CA ILE A 11 9.55 6.91 -14.81
C ILE A 11 10.43 8.12 -15.08
N LEU A 12 11.02 8.65 -14.01
CA LEU A 12 11.94 9.78 -14.09
C LEU A 12 13.12 9.56 -13.15
N LYS A 13 14.23 10.22 -13.42
CA LYS A 13 15.36 10.23 -12.49
C LYS A 13 15.22 11.42 -11.57
N PRO A 14 15.78 11.31 -10.36
CA PRO A 14 15.80 12.43 -9.42
C PRO A 14 16.35 13.71 -10.07
N SER A 15 15.71 14.83 -9.74
CA SER A 15 16.08 16.17 -10.23
C SER A 15 15.34 16.57 -11.50
N GLN A 16 14.76 15.61 -12.20
CA GLN A 16 14.03 15.90 -13.44
C GLN A 16 12.69 16.57 -13.15
N THR A 17 12.09 17.13 -14.19
CA THR A 17 10.79 17.76 -14.06
C THR A 17 9.69 16.81 -14.50
N LEU A 18 8.65 16.72 -13.65
CA LEU A 18 7.47 15.92 -13.95
C LEU A 18 6.41 16.78 -14.64
N SER A 19 5.95 16.33 -15.80
CA SER A 19 4.85 16.98 -16.50
CA SER A 19 4.87 16.98 -16.52
C SER A 19 3.70 16.03 -16.70
N LEU A 20 2.60 16.29 -15.98
CA LEU A 20 1.40 15.46 -16.03
C LEU A 20 0.32 16.16 -16.83
N THR A 21 -0.50 15.37 -17.52
CA THR A 21 -1.62 15.87 -18.28
C THR A 21 -2.90 15.18 -17.84
N CYS A 22 -3.97 15.96 -17.69
CA CYS A 22 -5.29 15.44 -17.42
C CYS A 22 -6.15 15.82 -18.61
N SER A 23 -6.48 14.84 -19.45
CA SER A 23 -7.31 15.07 -20.61
C SER A 23 -8.73 14.68 -20.25
N PHE A 24 -9.65 15.62 -20.37
CA PHE A 24 -11.03 15.35 -19.95
C PHE A 24 -12.02 15.53 -21.09
N SER A 25 -13.19 14.95 -20.91
CA SER A 25 -14.31 15.15 -21.82
C SER A 25 -15.61 15.12 -21.02
N GLY A 26 -16.69 15.54 -21.66
CA GLY A 26 -17.98 15.51 -20.99
C GLY A 26 -18.28 16.77 -20.21
N PHE A 27 -17.31 17.68 -20.17
CA PHE A 27 -17.49 19.00 -19.58
C PHE A 27 -16.41 19.93 -20.11
N SER A 28 -16.56 21.22 -19.82
CA SER A 28 -15.63 22.21 -20.30
C SER A 28 -15.18 23.10 -19.15
N LEU A 29 -13.90 23.45 -19.12
CA LEU A 29 -13.37 24.39 -18.14
C LEU A 29 -13.69 25.83 -18.48
N SER A 30 -14.49 26.02 -19.53
CA SER A 30 -15.00 27.35 -19.87
CA SER A 30 -15.00 27.35 -19.87
C SER A 30 -16.30 27.58 -19.14
N THR A 31 -16.89 26.50 -18.63
CA THR A 31 -18.17 26.55 -17.92
C THR A 31 -18.03 27.09 -16.50
N SER A 32 -18.78 28.13 -16.20
CA SER A 32 -18.75 28.74 -14.88
C SER A 32 -18.95 27.69 -13.78
N GLY A 33 -18.11 27.76 -12.75
CA GLY A 33 -18.23 26.87 -11.60
C GLY A 33 -17.37 25.63 -11.68
N MET A 34 -16.72 25.43 -12.82
CA MET A 34 -15.95 24.22 -13.08
C MET A 34 -14.54 24.29 -12.48
N SER A 35 -14.06 23.16 -11.96
CA SER A 35 -12.69 23.10 -11.47
C SER A 35 -12.12 21.69 -11.56
N VAL A 36 -10.80 21.61 -11.58
CA VAL A 36 -10.10 20.33 -11.57
C VAL A 36 -8.95 20.38 -10.59
N GLY A 37 -8.76 19.30 -9.83
CA GLY A 37 -7.66 19.20 -8.91
C GLY A 37 -6.82 17.96 -9.12
N TRP A 38 -5.60 17.98 -8.57
CA TRP A 38 -4.68 16.84 -8.60
C TRP A 38 -4.48 16.30 -7.19
N ILE A 39 -4.51 14.98 -7.08
CA ILE A 39 -4.33 14.28 -5.81
C ILE A 39 -3.41 13.10 -6.07
N ARG A 40 -2.46 12.86 -5.17
CA ARG A 40 -1.56 11.71 -5.37
C ARG A 40 -1.58 10.74 -4.20
N GLN A 41 -1.07 9.55 -4.46
CA GLN A 41 -1.01 8.48 -3.47
C GLN A 41 0.27 7.68 -3.59
N PRO A 42 1.20 7.84 -2.64
CA PRO A 42 2.27 6.83 -2.63
C PRO A 42 1.69 5.44 -2.37
N SER A 43 2.22 4.42 -3.03
CA SER A 43 1.65 3.07 -2.94
C SER A 43 1.54 2.59 -1.49
N GLY A 44 0.41 1.96 -1.17
CA GLY A 44 0.16 1.45 0.17
C GLY A 44 0.01 2.56 1.19
N LYS A 45 -0.05 3.80 0.71
CA LYS A 45 -0.17 4.95 1.61
C LYS A 45 -1.37 5.79 1.25
N GLY A 46 -1.52 6.92 1.93
CA GLY A 46 -2.74 7.71 1.81
C GLY A 46 -2.74 8.76 0.72
N LEU A 47 -3.86 9.46 0.61
CA LEU A 47 -4.07 10.47 -0.41
C LEU A 47 -3.58 11.85 0.05
N GLU A 48 -3.03 12.60 -0.89
CA GLU A 48 -2.56 13.96 -0.65
C GLU A 48 -3.05 14.86 -1.78
N TRP A 49 -3.79 15.91 -1.43
CA TRP A 49 -4.22 16.90 -2.42
C TRP A 49 -3.05 17.82 -2.76
N LEU A 50 -2.86 18.11 -4.04
CA LEU A 50 -1.70 18.87 -4.49
C LEU A 50 -2.02 20.27 -4.99
N ALA A 51 -2.97 20.39 -5.90
CA ALA A 51 -3.22 21.66 -6.55
C ALA A 51 -4.59 21.64 -7.19
N HIS A 52 -5.09 22.83 -7.49
CA HIS A 52 -6.45 22.97 -7.99
C HIS A 52 -6.55 24.19 -8.89
N ILE A 53 -7.33 24.07 -9.97
CA ILE A 53 -7.52 25.19 -10.90
C ILE A 53 -9.01 25.37 -11.24
N TRP A 54 -9.43 26.62 -11.33
CA TRP A 54 -10.82 26.96 -11.59
C TRP A 54 -11.01 27.51 -12.99
N TRP A 55 -12.25 27.48 -13.48
CA TRP A 55 -12.56 27.95 -14.83
C TRP A 55 -12.13 29.39 -15.09
N ASP A 56 -12.10 30.20 -14.03
CA ASP A 56 -11.68 31.59 -14.14
C ASP A 56 -10.21 31.84 -13.79
N ASP A 57 -9.43 30.77 -13.75
CA ASP A 57 -7.97 30.85 -13.61
C ASP A 57 -7.44 30.95 -12.18
N ASP A 58 -8.33 30.97 -11.20
CA ASP A 58 -7.87 30.92 -9.81
C ASP A 58 -7.21 29.58 -9.54
N LYS A 59 -6.03 29.61 -8.93
CA LYS A 59 -5.28 28.40 -8.63
C LYS A 59 -4.96 28.32 -7.16
N TYR A 60 -5.04 27.10 -6.62
CA TYR A 60 -4.71 26.83 -5.23
C TYR A 60 -3.64 25.75 -5.15
N TYR A 61 -2.71 25.90 -4.20
CA TYR A 61 -1.60 24.97 -4.06
C TYR A 61 -1.45 24.45 -2.62
N ASN A 62 -0.94 23.23 -2.49
CA ASN A 62 -0.58 22.70 -1.18
C ASN A 62 0.81 23.20 -0.80
N PRO A 63 0.90 23.93 0.32
CA PRO A 63 2.20 24.48 0.74
C PRO A 63 3.27 23.40 0.99
N SER A 64 2.85 22.15 1.15
CA SER A 64 3.79 21.06 1.44
CA SER A 64 3.78 21.05 1.44
C SER A 64 4.77 20.80 0.30
N LEU A 65 4.44 21.28 -0.89
CA LEU A 65 5.32 21.08 -2.04
C LEU A 65 6.04 22.36 -2.44
N LYS A 66 5.86 23.41 -1.64
CA LYS A 66 6.56 24.67 -1.84
C LYS A 66 6.40 25.20 -3.26
N SER A 67 7.44 25.82 -3.79
CA SER A 67 7.38 26.41 -5.11
C SER A 67 7.65 25.38 -6.22
N ARG A 68 7.42 24.11 -5.92
CA ARG A 68 7.69 23.04 -6.88
C ARG A 68 6.54 22.77 -7.85
N LEU A 69 5.33 23.22 -7.49
CA LEU A 69 4.13 22.91 -8.26
C LEU A 69 3.67 24.05 -9.14
N THR A 70 3.23 23.72 -10.34
CA THR A 70 2.57 24.67 -11.21
C THR A 70 1.41 23.99 -11.92
N ILE A 71 0.21 24.52 -11.72
CA ILE A 71 -0.95 23.98 -12.41
C ILE A 71 -1.38 24.95 -13.50
N SER A 72 -1.89 24.41 -14.60
CA SER A 72 -2.33 25.25 -15.71
C SER A 72 -3.38 24.52 -16.50
N LYS A 73 -4.00 25.21 -17.45
CA LYS A 73 -5.02 24.57 -18.27
C LYS A 73 -4.98 25.07 -19.71
N ASP A 74 -5.48 24.24 -20.62
CA ASP A 74 -5.75 24.66 -21.98
C ASP A 74 -7.19 24.26 -22.25
N THR A 75 -8.12 25.20 -22.03
CA THR A 75 -9.54 24.92 -22.20
CA THR A 75 -9.53 24.90 -22.19
C THR A 75 -9.84 24.56 -23.65
N SER A 76 -9.08 25.15 -24.56
CA SER A 76 -9.24 24.87 -25.98
C SER A 76 -9.04 23.38 -26.29
N ARG A 77 -8.14 22.75 -25.56
CA ARG A 77 -7.78 21.35 -25.80
CA ARG A 77 -7.81 21.35 -25.81
C ARG A 77 -8.35 20.41 -24.73
N ASN A 78 -9.16 20.95 -23.82
CA ASN A 78 -9.71 20.16 -22.73
C ASN A 78 -8.63 19.46 -21.91
N GLN A 79 -7.61 20.20 -21.51
CA GLN A 79 -6.52 19.65 -20.74
C GLN A 79 -6.15 20.51 -19.54
N VAL A 80 -5.73 19.85 -18.47
CA VAL A 80 -5.17 20.50 -17.31
C VAL A 80 -3.80 19.88 -17.10
N PHE A 81 -2.82 20.71 -16.76
CA PHE A 81 -1.46 20.24 -16.59
C PHE A 81 -0.97 20.45 -15.18
N LEU A 82 -0.10 19.56 -14.72
CA LEU A 82 0.61 19.77 -13.47
C LEU A 82 2.09 19.56 -13.71
N LYS A 83 2.88 20.55 -13.33
CA LYS A 83 4.33 20.45 -13.40
C LYS A 83 4.90 20.39 -11.99
N ILE A 84 5.78 19.43 -11.75
CA ILE A 84 6.48 19.36 -10.47
C ILE A 84 7.97 19.32 -10.75
N THR A 85 8.68 20.35 -10.32
CA THR A 85 10.12 20.42 -10.60
C THR A 85 10.92 19.65 -9.56
N SER A 86 12.16 19.33 -9.92
CA SER A 86 13.12 18.69 -9.02
C SER A 86 12.56 17.45 -8.31
N VAL A 87 12.08 16.48 -9.08
CA VAL A 87 11.49 15.31 -8.43
C VAL A 87 12.51 14.51 -7.63
N ASP A 88 12.03 13.84 -6.59
N ASP A 88 12.03 13.85 -6.59
CA ASP A 88 12.87 12.91 -5.84
CA ASP A 88 12.86 12.92 -5.82
C ASP A 88 12.05 11.66 -5.55
C ASP A 88 12.08 11.63 -5.61
N THR A 89 12.66 10.70 -4.86
CA THR A 89 12.02 9.41 -4.66
C THR A 89 10.63 9.53 -4.02
N ALA A 90 10.45 10.53 -3.16
CA ALA A 90 9.17 10.71 -2.47
C ALA A 90 8.03 11.09 -3.40
N ASP A 91 8.36 11.46 -4.63
CA ASP A 91 7.35 11.80 -5.64
C ASP A 91 6.84 10.55 -6.37
N THR A 92 7.43 9.39 -6.05
CA THR A 92 6.91 8.11 -6.53
C THR A 92 5.50 7.93 -6.00
N ALA A 93 4.51 7.81 -6.91
CA ALA A 93 3.11 7.82 -6.51
C ALA A 93 2.22 7.60 -7.71
N THR A 94 0.94 7.32 -7.44
CA THR A 94 -0.07 7.39 -8.47
C THR A 94 -0.71 8.77 -8.39
N TYR A 95 -0.83 9.43 -9.53
CA TYR A 95 -1.38 10.77 -9.60
C TYR A 95 -2.76 10.74 -10.23
N TYR A 96 -3.74 11.34 -9.55
CA TYR A 96 -5.10 11.43 -10.03
C TYR A 96 -5.52 12.86 -10.28
N CYS A 97 -6.31 13.06 -11.34
CA CYS A 97 -7.05 14.30 -11.47
CA CYS A 97 -7.05 14.28 -11.59
C CYS A 97 -8.53 14.05 -11.22
N ALA A 98 -9.19 15.05 -10.65
CA ALA A 98 -10.58 14.88 -10.22
C ALA A 98 -11.32 16.19 -10.34
N ARG A 99 -12.61 16.11 -10.64
CA ARG A 99 -13.42 17.30 -10.90
C ARG A 99 -14.28 17.66 -9.69
N ARG A 100 -14.46 18.98 -9.47
CA ARG A 100 -15.51 19.49 -8.59
C ARG A 100 -16.20 20.64 -9.30
N THR A 101 -17.47 20.87 -8.98
CA THR A 101 -18.17 22.02 -9.51
C THR A 101 -18.88 22.74 -8.37
N THR A 102 -19.15 24.03 -8.57
CA THR A 102 -19.81 24.83 -7.55
CA THR A 102 -19.81 24.83 -7.54
C THR A 102 -21.17 24.25 -7.17
N THR A 103 -21.87 23.67 -8.14
CA THR A 103 -23.21 23.12 -7.90
C THR A 103 -23.20 21.63 -7.54
N ALA A 104 -22.04 21.00 -7.69
CA ALA A 104 -21.82 19.62 -7.29
C ALA A 104 -20.43 19.60 -6.65
N ASP A 105 -20.39 20.10 -5.43
CA ASP A 105 -19.16 20.52 -4.79
C ASP A 105 -18.50 19.37 -4.04
N TYR A 106 -17.89 18.48 -4.81
CA TYR A 106 -17.27 17.29 -4.27
C TYR A 106 -16.60 16.55 -5.41
N PHE A 107 -15.64 15.68 -5.09
CA PHE A 107 -14.93 14.93 -6.12
C PHE A 107 -15.73 13.71 -6.57
N ALA A 108 -16.75 13.97 -7.39
CA ALA A 108 -17.60 12.89 -7.91
C ALA A 108 -16.90 12.08 -9.00
N TYR A 109 -16.04 12.72 -9.78
CA TYR A 109 -15.36 12.07 -10.89
C TYR A 109 -13.85 12.15 -10.75
N TRP A 110 -13.22 10.98 -10.84
CA TRP A 110 -11.77 10.83 -10.78
C TRP A 110 -11.29 10.10 -12.03
N GLY A 111 -10.05 10.35 -12.42
CA GLY A 111 -9.42 9.54 -13.45
C GLY A 111 -8.93 8.24 -12.86
N GLN A 112 -8.44 7.33 -13.72
CA GLN A 112 -7.92 6.05 -13.26
C GLN A 112 -6.53 6.20 -12.65
N GLY A 113 -5.88 7.32 -12.93
CA GLY A 113 -4.56 7.60 -12.38
C GLY A 113 -3.43 7.32 -13.35
N THR A 114 -2.31 7.98 -13.12
CA THR A 114 -1.07 7.67 -13.85
C THR A 114 0.01 7.42 -12.81
N THR A 115 0.76 6.34 -12.99
CA THR A 115 1.72 5.92 -11.98
C THR A 115 3.13 6.40 -12.36
N LEU A 116 3.82 6.95 -11.37
CA LEU A 116 5.16 7.47 -11.59
C LEU A 116 6.14 6.83 -10.62
N THR A 117 7.25 6.35 -11.16
CA THR A 117 8.39 5.91 -10.36
C THR A 117 9.51 6.91 -10.53
N VAL A 118 10.08 7.38 -9.43
CA VAL A 118 11.29 8.22 -9.48
C VAL A 118 12.44 7.45 -8.89
N SER A 119 13.44 7.16 -9.72
CA SER A 119 14.56 6.33 -9.27
C SER A 119 15.79 6.60 -10.12
N SER A 120 16.96 6.47 -9.50
CA SER A 120 18.20 6.54 -10.24
C SER A 120 18.70 5.13 -10.60
N ALA A 121 17.95 4.11 -10.23
CA ALA A 121 18.35 2.73 -10.47
C ALA A 121 18.42 2.35 -11.95
N LYS A 122 19.33 1.43 -12.27
CA LYS A 122 19.42 0.87 -13.60
C LYS A 122 18.79 -0.51 -13.58
N THR A 123 18.37 -0.98 -14.75
CA THR A 123 17.81 -2.31 -14.88
C THR A 123 18.81 -3.36 -14.36
N THR A 124 18.34 -4.18 -13.43
CA THR A 124 19.20 -5.12 -12.72
C THR A 124 18.44 -6.42 -12.50
N PRO A 125 19.04 -7.56 -12.89
CA PRO A 125 18.34 -8.83 -12.65
C PRO A 125 18.40 -9.24 -11.19
N PRO A 126 17.43 -10.00 -10.70
CA PRO A 126 17.47 -10.47 -9.31
C PRO A 126 18.49 -11.57 -9.12
N SER A 127 18.98 -11.68 -7.89
CA SER A 127 19.69 -12.87 -7.45
C SER A 127 18.64 -13.73 -6.78
N VAL A 128 18.54 -14.99 -7.17
CA VAL A 128 17.53 -15.90 -6.65
C VAL A 128 18.17 -16.96 -5.78
N TYR A 129 17.73 -17.04 -4.52
CA TYR A 129 18.34 -17.93 -3.55
C TYR A 129 17.33 -18.87 -2.94
N PRO A 130 17.71 -20.13 -2.72
CA PRO A 130 16.80 -21.08 -2.09
C PRO A 130 16.64 -20.85 -0.60
N LEU A 131 15.42 -21.03 -0.11
CA LEU A 131 15.14 -21.03 1.33
C LEU A 131 14.78 -22.46 1.71
N ALA A 132 15.74 -23.17 2.29
CA ALA A 132 15.58 -24.58 2.58
C ALA A 132 15.42 -24.82 4.07
N PRO A 133 14.45 -25.67 4.44
CA PRO A 133 14.23 -26.11 5.82
C PRO A 133 15.12 -27.31 6.11
N SER A 141 4.19 -32.58 9.67
CA SER A 141 3.08 -32.89 8.76
C SER A 141 3.20 -32.09 7.47
N MET A 142 3.31 -30.77 7.60
CA MET A 142 3.56 -29.90 6.46
C MET A 142 4.95 -29.31 6.57
N VAL A 143 5.53 -28.92 5.43
CA VAL A 143 6.82 -28.26 5.44
CA VAL A 143 6.83 -28.27 5.42
C VAL A 143 6.77 -27.01 4.58
N THR A 144 7.47 -25.96 5.01
CA THR A 144 7.47 -24.70 4.30
C THR A 144 8.84 -24.43 3.68
N LEU A 145 8.83 -24.20 2.37
CA LEU A 145 10.03 -23.88 1.62
C LEU A 145 9.89 -22.47 1.06
N GLY A 146 10.95 -21.92 0.50
CA GLY A 146 10.83 -20.60 -0.07
C GLY A 146 11.93 -20.26 -1.04
N CYS A 147 11.78 -19.09 -1.64
CA CYS A 147 12.82 -18.53 -2.50
CA CYS A 147 12.87 -18.54 -2.43
C CYS A 147 12.94 -17.04 -2.25
N LEU A 148 14.17 -16.57 -2.13
CA LEU A 148 14.45 -15.15 -1.91
C LEU A 148 14.88 -14.55 -3.24
N VAL A 149 14.23 -13.46 -3.62
CA VAL A 149 14.46 -12.82 -4.91
C VAL A 149 14.97 -11.42 -4.62
N LYS A 150 16.27 -11.23 -4.74
CA LYS A 150 16.93 -10.07 -4.15
C LYS A 150 17.63 -9.16 -5.18
N GLY A 151 17.40 -7.86 -5.05
CA GLY A 151 18.21 -6.87 -5.73
C GLY A 151 17.90 -6.61 -7.20
N TYR A 152 16.60 -6.51 -7.52
CA TYR A 152 16.19 -6.30 -8.90
C TYR A 152 15.56 -4.94 -9.10
N PHE A 153 15.53 -4.51 -10.36
CA PHE A 153 14.90 -3.27 -10.75
C PHE A 153 14.66 -3.30 -12.25
N PRO A 154 13.51 -2.81 -12.71
CA PRO A 154 12.35 -2.34 -11.97
C PRO A 154 11.42 -3.50 -11.63
N GLU A 155 10.29 -3.21 -11.01
CA GLU A 155 9.27 -4.22 -10.83
C GLU A 155 8.67 -4.54 -12.21
N PRO A 156 8.04 -5.71 -12.35
CA PRO A 156 7.90 -6.73 -11.32
C PRO A 156 8.71 -7.98 -11.61
N VAL A 157 8.66 -8.93 -10.67
CA VAL A 157 9.09 -10.29 -10.95
C VAL A 157 7.87 -11.17 -10.84
N THR A 158 7.89 -12.32 -11.52
CA THR A 158 6.87 -13.32 -11.31
C THR A 158 7.52 -14.55 -10.72
N VAL A 159 6.88 -15.11 -9.70
CA VAL A 159 7.38 -16.32 -9.06
C VAL A 159 6.32 -17.41 -9.20
N THR A 160 6.74 -18.57 -9.66
CA THR A 160 5.87 -19.73 -9.64
C THR A 160 6.61 -20.89 -8.98
N TRP A 161 5.88 -21.95 -8.68
CA TRP A 161 6.47 -23.12 -8.05
C TRP A 161 6.14 -24.36 -8.89
N ASN A 162 7.16 -25.14 -9.21
CA ASN A 162 7.00 -26.28 -10.09
C ASN A 162 6.30 -25.90 -11.39
N SER A 163 6.74 -24.79 -11.97
CA SER A 163 6.21 -24.31 -13.25
C SER A 163 4.70 -24.17 -13.24
N GLY A 164 4.17 -23.79 -12.07
CA GLY A 164 2.75 -23.51 -11.92
C GLY A 164 1.92 -24.66 -11.38
N SER A 165 2.49 -25.86 -11.35
CA SER A 165 1.76 -27.04 -10.88
CA SER A 165 1.75 -27.03 -10.88
C SER A 165 1.51 -26.99 -9.38
N LEU A 166 2.34 -26.23 -8.68
CA LEU A 166 2.17 -26.04 -7.24
C LEU A 166 1.66 -24.64 -7.03
N SER A 167 0.35 -24.51 -6.86
CA SER A 167 -0.29 -23.19 -6.81
C SER A 167 -0.94 -22.94 -5.45
N SER A 168 -1.34 -24.01 -4.78
CA SER A 168 -1.94 -23.91 -3.46
CA SER A 168 -1.94 -23.91 -3.46
C SER A 168 -0.86 -23.77 -2.39
N GLY A 169 -1.17 -23.06 -1.32
CA GLY A 169 -0.24 -22.90 -0.21
C GLY A 169 0.94 -22.00 -0.50
N VAL A 170 0.77 -21.07 -1.43
CA VAL A 170 1.84 -20.14 -1.79
C VAL A 170 1.60 -18.72 -1.28
N HIS A 171 2.62 -18.13 -0.67
CA HIS A 171 2.58 -16.71 -0.31
C HIS A 171 3.73 -16.02 -0.99
N THR A 172 3.43 -15.15 -1.94
CA THR A 172 4.48 -14.31 -2.51
C THR A 172 4.30 -12.90 -1.98
N PHE A 173 5.28 -12.42 -1.22
CA PHE A 173 5.15 -11.18 -0.49
C PHE A 173 5.41 -9.94 -1.35
N PRO A 174 4.81 -8.81 -0.99
CA PRO A 174 5.11 -7.58 -1.71
C PRO A 174 6.59 -7.22 -1.64
N ALA A 175 7.11 -6.69 -2.73
CA ALA A 175 8.49 -6.24 -2.78
C ALA A 175 8.73 -5.04 -1.88
N VAL A 176 9.93 -4.94 -1.35
CA VAL A 176 10.35 -3.76 -0.61
C VAL A 176 11.62 -3.21 -1.22
N LEU A 177 11.86 -1.92 -1.04
CA LEU A 177 13.07 -1.27 -1.52
C LEU A 177 14.25 -1.35 -0.55
N GLN A 178 15.41 -1.73 -1.07
CA GLN A 178 16.66 -1.76 -0.34
C GLN A 178 17.72 -1.10 -1.21
N SER A 179 18.18 0.08 -0.83
CA SER A 179 19.18 0.79 -1.62
C SER A 179 18.82 0.81 -3.10
N ASP A 180 17.62 1.31 -3.40
CA ASP A 180 17.17 1.53 -4.76
C ASP A 180 16.80 0.26 -5.53
N LEU A 181 16.99 -0.90 -4.90
CA LEU A 181 16.63 -2.17 -5.52
C LEU A 181 15.53 -2.91 -4.75
N TYR A 182 14.74 -3.69 -5.47
CA TYR A 182 13.64 -4.44 -4.88
C TYR A 182 14.04 -5.83 -4.44
N THR A 183 13.36 -6.28 -3.38
CA THR A 183 13.52 -7.64 -2.90
CA THR A 183 13.52 -7.64 -2.88
C THR A 183 12.18 -8.17 -2.41
N LEU A 184 11.93 -9.44 -2.68
CA LEU A 184 10.77 -10.13 -2.12
C LEU A 184 11.11 -11.59 -1.92
N SER A 185 10.29 -12.30 -1.15
CA SER A 185 10.41 -13.74 -1.02
C SER A 185 9.06 -14.36 -1.31
N SER A 186 9.11 -15.64 -1.67
CA SER A 186 7.91 -16.43 -1.84
C SER A 186 8.04 -17.68 -0.98
N SER A 187 6.96 -18.06 -0.31
CA SER A 187 6.95 -19.31 0.43
C SER A 187 5.93 -20.27 -0.16
N VAL A 188 6.22 -21.55 -0.04
CA VAL A 188 5.26 -22.58 -0.43
C VAL A 188 5.20 -23.63 0.67
N THR A 189 4.00 -24.11 0.96
CA THR A 189 3.82 -25.11 1.98
C THR A 189 3.23 -26.39 1.36
N VAL A 190 3.91 -27.50 1.58
CA VAL A 190 3.49 -28.77 0.98
C VAL A 190 3.53 -29.88 2.05
N PRO A 191 2.83 -30.99 1.80
CA PRO A 191 2.91 -32.07 2.80
C PRO A 191 4.33 -32.60 2.89
N SER A 192 4.76 -32.97 4.09
CA SER A 192 6.11 -33.46 4.31
C SER A 192 6.35 -34.76 3.54
N SER A 193 5.26 -35.38 3.09
CA SER A 193 5.35 -36.64 2.35
C SER A 193 5.68 -36.42 0.88
N THR A 194 5.67 -35.16 0.43
CA THR A 194 5.93 -34.85 -0.97
C THR A 194 7.30 -34.21 -1.19
N TRP A 195 7.96 -33.81 -0.11
CA TRP A 195 9.30 -33.23 -0.19
C TRP A 195 10.14 -33.72 0.98
N PRO A 196 11.39 -34.14 0.73
CA PRO A 196 12.11 -34.03 -0.55
C PRO A 196 11.89 -35.20 -1.50
N SER A 197 11.00 -36.13 -1.17
CA SER A 197 10.78 -37.30 -2.03
C SER A 197 10.43 -36.87 -3.46
N GLU A 198 9.67 -35.79 -3.58
CA GLU A 198 9.37 -35.20 -4.87
C GLU A 198 9.94 -33.79 -4.92
N THR A 199 10.36 -33.35 -6.10
CA THR A 199 11.09 -32.09 -6.22
C THR A 199 10.20 -30.86 -6.02
N VAL A 200 10.81 -29.80 -5.50
CA VAL A 200 10.17 -28.50 -5.42
C VAL A 200 11.14 -27.46 -5.95
N THR A 201 10.69 -26.71 -6.95
CA THR A 201 11.52 -25.72 -7.62
C THR A 201 10.77 -24.42 -7.76
N CYS A 202 11.46 -23.32 -7.47
CA CYS A 202 10.86 -22.02 -7.73
CA CYS A 202 10.92 -21.98 -7.67
C CYS A 202 11.35 -21.48 -9.06
N ASN A 203 10.42 -20.89 -9.80
CA ASN A 203 10.74 -20.31 -11.12
C ASN A 203 10.54 -18.81 -11.03
N VAL A 204 11.59 -18.05 -11.31
CA VAL A 204 11.55 -16.59 -11.17
C VAL A 204 11.85 -15.90 -12.48
N ALA A 205 10.90 -15.09 -12.96
CA ALA A 205 11.10 -14.32 -14.17
C ALA A 205 11.19 -12.84 -13.86
N HIS A 206 12.15 -12.18 -14.49
CA HIS A 206 12.24 -10.73 -14.40
C HIS A 206 12.32 -10.19 -15.81
N PRO A 207 11.15 -9.88 -16.40
CA PRO A 207 11.09 -9.51 -17.81
C PRO A 207 12.03 -8.37 -18.20
N ALA A 208 12.13 -7.35 -17.37
CA ALA A 208 12.92 -6.19 -17.73
C ALA A 208 14.40 -6.51 -17.98
N SER A 209 14.95 -7.50 -17.28
CA SER A 209 16.35 -7.87 -17.46
C SER A 209 16.52 -9.07 -18.36
N SER A 210 15.43 -9.53 -18.97
CA SER A 210 15.48 -10.68 -19.87
C SER A 210 15.93 -11.96 -19.16
N THR A 211 15.57 -12.12 -17.89
CA THR A 211 16.03 -13.29 -17.16
C THR A 211 14.93 -14.20 -16.63
N LYS A 212 15.24 -15.47 -16.59
CA LYS A 212 14.40 -16.52 -16.03
C LYS A 212 15.35 -17.47 -15.32
N VAL A 213 15.04 -17.80 -14.07
CA VAL A 213 15.87 -18.72 -13.31
C VAL A 213 15.01 -19.74 -12.57
N ASP A 214 15.52 -20.95 -12.46
CA ASP A 214 14.89 -21.97 -11.63
C ASP A 214 15.82 -22.28 -10.48
N LYS A 215 15.26 -22.41 -9.29
CA LYS A 215 16.04 -22.82 -8.12
C LYS A 215 15.39 -24.03 -7.46
N LYS A 216 16.04 -25.17 -7.55
CA LYS A 216 15.57 -26.37 -6.87
C LYS A 216 15.88 -26.27 -5.38
N ILE A 217 14.90 -26.60 -4.53
CA ILE A 217 15.11 -26.54 -3.09
C ILE A 217 15.57 -27.89 -2.54
N VAL A 218 16.73 -27.89 -1.90
CA VAL A 218 17.26 -29.09 -1.23
C VAL A 218 17.43 -28.84 0.26
N PRO A 219 17.20 -29.87 1.09
CA PRO A 219 17.15 -29.75 2.56
C PRO A 219 18.41 -29.15 3.20
N ARG A 220 18.22 -28.36 4.25
CA ARG A 220 19.36 -27.78 4.98
C ARG A 220 19.79 -28.66 6.15
N ASP A 221 21.00 -28.43 6.65
CA ASP A 221 21.57 -29.28 7.70
C ASP A 221 21.47 -28.69 9.10
N CYS A 222 21.26 -27.38 9.19
CA CYS A 222 21.15 -26.72 10.48
C CYS A 222 19.71 -26.42 10.86
N ASP B 1 -2.22 23.69 9.09
CA ASP B 1 -3.06 22.78 8.32
C ASP B 1 -4.04 22.06 9.22
N VAL B 2 -5.18 21.66 8.66
CA VAL B 2 -6.13 20.83 9.39
C VAL B 2 -5.71 19.37 9.34
N LEU B 3 -5.49 18.79 10.52
CA LEU B 3 -5.19 17.37 10.62
C LEU B 3 -6.50 16.60 10.79
N MET B 4 -6.68 15.58 9.97
CA MET B 4 -7.85 14.71 10.06
C MET B 4 -7.42 13.37 10.63
N THR B 5 -7.90 13.06 11.84
CA THR B 5 -7.50 11.84 12.54
C THR B 5 -8.64 10.81 12.53
N GLN B 6 -8.40 9.67 11.88
CA GLN B 6 -9.40 8.61 11.79
C GLN B 6 -9.14 7.50 12.80
N THR B 7 -10.22 6.90 13.30
CA THR B 7 -10.14 5.81 14.26
CA THR B 7 -10.12 5.80 14.23
C THR B 7 -11.28 4.82 14.02
N PRO B 8 -10.97 3.53 13.90
CA PRO B 8 -9.61 2.96 13.91
C PRO B 8 -8.97 2.99 12.53
N LEU B 9 -7.71 2.58 12.42
CA LEU B 9 -7.06 2.51 11.11
C LEU B 9 -7.30 1.16 10.45
N SER B 10 -7.63 0.15 11.26
CA SER B 10 -8.01 -1.16 10.77
CA SER B 10 -8.00 -1.17 10.77
C SER B 10 -9.28 -1.60 11.47
N LEU B 11 -10.27 -2.00 10.70
CA LEU B 11 -11.58 -2.32 11.26
C LEU B 11 -12.11 -3.67 10.77
N PRO B 12 -11.93 -4.72 11.59
CA PRO B 12 -12.46 -6.05 11.23
CA PRO B 12 -12.46 -6.03 11.21
C PRO B 12 -13.95 -6.13 11.49
N VAL B 13 -14.71 -6.67 10.55
CA VAL B 13 -16.14 -6.84 10.75
C VAL B 13 -16.64 -8.16 10.18
N SER B 14 -17.71 -8.68 10.77
CA SER B 14 -18.41 -9.82 10.21
C SER B 14 -19.37 -9.30 9.15
N LEU B 15 -19.57 -10.07 8.09
CA LEU B 15 -20.52 -9.66 7.06
C LEU B 15 -21.90 -9.45 7.68
N GLY B 16 -22.58 -8.39 7.25
CA GLY B 16 -23.93 -8.11 7.72
C GLY B 16 -23.96 -7.26 8.97
N ASP B 17 -22.82 -7.10 9.62
CA ASP B 17 -22.74 -6.24 10.79
C ASP B 17 -22.56 -4.79 10.38
N GLN B 18 -22.62 -3.90 11.37
CA GLN B 18 -22.41 -2.48 11.13
C GLN B 18 -20.98 -2.09 11.46
N ALA B 19 -20.39 -1.27 10.60
CA ALA B 19 -19.08 -0.70 10.86
C ALA B 19 -19.20 0.79 11.12
N SER B 20 -18.46 1.28 12.11
CA SER B 20 -18.47 2.70 12.43
CA SER B 20 -18.47 2.70 12.43
C SER B 20 -17.05 3.27 12.38
N ILE B 21 -16.88 4.34 11.62
CA ILE B 21 -15.56 4.94 11.48
C ILE B 21 -15.58 6.39 11.96
N SER B 22 -14.63 6.73 12.83
N SER B 22 -14.64 6.73 12.83
CA SER B 22 -14.54 8.06 13.41
CA SER B 22 -14.57 8.08 13.40
C SER B 22 -13.53 8.92 12.65
C SER B 22 -13.52 8.94 12.72
N CYS B 23 -13.84 10.21 12.52
CA CYS B 23 -12.93 11.17 11.91
C CYS B 23 -13.04 12.49 12.66
N ARG B 24 -11.92 12.98 13.18
CA ARG B 24 -11.89 14.22 13.92
C ARG B 24 -10.96 15.24 13.28
N SER B 25 -11.45 16.45 13.04
CA SER B 25 -10.59 17.53 12.56
C SER B 25 -9.92 18.26 13.70
N SER B 26 -8.67 18.67 13.51
CA SER B 26 -7.88 19.32 14.56
C SER B 26 -8.34 20.73 14.87
N GLN B 27 -9.10 21.32 13.96
CA GLN B 27 -9.72 22.62 14.20
C GLN B 27 -11.03 22.64 13.43
N SER B 28 -11.81 23.70 13.61
CA SER B 28 -13.11 23.79 12.97
C SER B 28 -12.97 23.74 11.46
N ILE B 29 -13.88 23.00 10.81
CA ILE B 29 -13.95 23.03 9.37
C ILE B 29 -15.30 23.59 8.90
N VAL B 30 -15.89 24.47 9.72
CA VAL B 30 -17.06 25.21 9.26
C VAL B 30 -16.59 26.35 8.38
N HIS B 31 -17.00 26.32 7.11
CA HIS B 31 -16.64 27.34 6.15
C HIS B 31 -17.38 28.62 6.51
N SER B 32 -16.89 29.75 6.02
CA SER B 32 -17.52 31.04 6.28
C SER B 32 -18.95 31.09 5.73
N ASN B 33 -19.24 30.28 4.72
CA ASN B 33 -20.59 30.26 4.14
C ASN B 33 -21.58 29.43 4.98
N GLY B 34 -21.07 28.82 6.04
CA GLY B 34 -21.91 28.08 6.98
C GLY B 34 -21.92 26.57 6.83
N ASN B 35 -21.45 26.08 5.69
CA ASN B 35 -21.42 24.63 5.46
C ASN B 35 -20.17 24.01 6.04
N THR B 36 -20.27 22.73 6.39
CA THR B 36 -19.12 21.97 6.85
C THR B 36 -18.73 21.01 5.73
N TYR B 37 -17.60 21.29 5.08
CA TYR B 37 -17.19 20.52 3.91
C TYR B 37 -16.38 19.30 4.28
N LEU B 38 -17.07 18.31 4.83
CA LEU B 38 -16.48 17.03 5.16
CA LEU B 38 -16.48 17.03 5.14
C LEU B 38 -17.03 15.96 4.23
N GLU B 39 -16.13 15.30 3.52
CA GLU B 39 -16.50 14.27 2.54
C GLU B 39 -15.91 12.93 2.95
N TRP B 40 -16.55 11.84 2.53
CA TRP B 40 -16.00 10.50 2.73
C TRP B 40 -15.84 9.84 1.38
N TYR B 41 -14.69 9.19 1.19
CA TYR B 41 -14.38 8.46 -0.04
C TYR B 41 -14.04 7.00 0.30
N LEU B 42 -14.30 6.11 -0.64
CA LEU B 42 -13.94 4.69 -0.50
C LEU B 42 -13.03 4.31 -1.65
N GLN B 43 -11.87 3.74 -1.34
CA GLN B 43 -10.98 3.24 -2.38
C GLN B 43 -10.88 1.73 -2.29
N LYS B 44 -11.40 1.06 -3.31
CA LYS B 44 -11.32 -0.38 -3.39
C LYS B 44 -10.02 -0.75 -4.10
N PRO B 45 -9.54 -1.98 -3.88
CA PRO B 45 -8.24 -2.37 -4.46
C PRO B 45 -8.19 -2.18 -5.99
N GLY B 46 -7.16 -1.48 -6.45
CA GLY B 46 -6.93 -1.30 -7.88
C GLY B 46 -7.81 -0.24 -8.52
N GLN B 47 -8.63 0.42 -7.72
CA GLN B 47 -9.57 1.41 -8.22
C GLN B 47 -9.25 2.80 -7.72
N SER B 48 -9.83 3.80 -8.37
CA SER B 48 -9.71 5.18 -7.93
CA SER B 48 -9.71 5.17 -7.92
C SER B 48 -10.66 5.38 -6.75
N PRO B 49 -10.38 6.37 -5.91
CA PRO B 49 -11.31 6.61 -4.82
C PRO B 49 -12.67 6.99 -5.39
N LYS B 50 -13.73 6.65 -4.66
CA LYS B 50 -15.07 7.03 -5.08
C LYS B 50 -15.80 7.74 -3.95
N LEU B 51 -16.59 8.73 -4.34
CA LEU B 51 -17.34 9.54 -3.40
C LEU B 51 -18.51 8.79 -2.76
N LEU B 52 -18.65 8.92 -1.44
CA LEU B 52 -19.76 8.36 -0.69
C LEU B 52 -20.69 9.43 -0.13
N ILE B 53 -20.08 10.35 0.64
CA ILE B 53 -20.80 11.35 1.43
C ILE B 53 -20.19 12.73 1.23
N TYR B 54 -21.02 13.76 1.20
CA TYR B 54 -20.52 15.12 1.16
C TYR B 54 -21.25 15.95 2.21
N LYS B 55 -20.65 17.07 2.59
CA LYS B 55 -21.21 17.92 3.63
C LYS B 55 -21.76 17.13 4.82
N VAL B 56 -20.90 16.26 5.35
CA VAL B 56 -21.14 15.49 6.57
C VAL B 56 -22.10 14.31 6.43
N SER B 57 -23.27 14.57 5.86
CA SER B 57 -24.36 13.60 5.94
C SER B 57 -25.14 13.38 4.64
N ASN B 58 -24.75 14.08 3.57
CA ASN B 58 -25.42 13.94 2.29
C ASN B 58 -24.84 12.80 1.46
N ARG B 59 -25.67 11.80 1.14
CA ARG B 59 -25.23 10.69 0.30
C ARG B 59 -25.17 11.09 -1.17
N PHE B 60 -24.04 10.81 -1.81
CA PHE B 60 -23.90 11.01 -3.24
C PHE B 60 -24.84 10.05 -3.96
N SER B 61 -25.45 10.53 -5.05
CA SER B 61 -26.36 9.71 -5.85
CA SER B 61 -26.36 9.71 -5.85
C SER B 61 -25.73 8.38 -6.27
N GLY B 62 -26.47 7.30 -6.10
CA GLY B 62 -26.00 5.98 -6.49
C GLY B 62 -25.38 5.22 -5.34
N VAL B 63 -25.04 5.94 -4.28
CA VAL B 63 -24.50 5.33 -3.08
C VAL B 63 -25.63 4.69 -2.26
N PRO B 64 -25.48 3.40 -1.94
CA PRO B 64 -26.48 2.67 -1.16
C PRO B 64 -26.81 3.36 0.16
N ASP B 65 -28.06 3.29 0.59
CA ASP B 65 -28.46 3.97 1.80
C ASP B 65 -27.87 3.35 3.06
N ARG B 66 -27.11 2.26 2.90
CA ARG B 66 -26.46 1.65 4.05
C ARG B 66 -25.23 2.46 4.50
N PHE B 67 -24.83 3.41 3.66
CA PHE B 67 -23.79 4.37 4.01
C PHE B 67 -24.44 5.64 4.52
N SER B 68 -24.04 6.06 5.72
CA SER B 68 -24.62 7.26 6.29
C SER B 68 -23.59 8.03 7.09
N GLY B 69 -23.60 9.35 6.91
CA GLY B 69 -22.66 10.20 7.59
C GLY B 69 -23.37 11.05 8.62
N SER B 70 -22.66 11.35 9.69
CA SER B 70 -23.21 12.23 10.72
C SER B 70 -22.08 12.92 11.45
N GLY B 71 -22.43 13.90 12.27
CA GLY B 71 -21.43 14.54 13.10
C GLY B 71 -21.89 15.88 13.61
N SER B 72 -21.01 16.51 14.37
CA SER B 72 -21.21 17.87 14.84
CA SER B 72 -21.22 17.86 14.86
C SER B 72 -19.87 18.41 15.26
N GLY B 73 -19.74 19.73 15.30
CA GLY B 73 -18.47 20.35 15.64
C GLY B 73 -17.34 19.79 14.78
N THR B 74 -16.40 19.12 15.41
CA THR B 74 -15.24 18.57 14.72
C THR B 74 -15.17 17.05 14.76
N ASP B 75 -16.27 16.42 15.15
CA ASP B 75 -16.33 14.97 15.30
CA ASP B 75 -16.34 14.97 15.30
C ASP B 75 -17.29 14.38 14.26
N PHE B 76 -16.77 13.51 13.41
CA PHE B 76 -17.59 12.96 12.35
C PHE B 76 -17.57 11.45 12.35
N THR B 77 -18.64 10.85 11.84
CA THR B 77 -18.77 9.40 11.84
C THR B 77 -19.37 8.90 10.53
N LEU B 78 -18.75 7.88 9.96
CA LEU B 78 -19.33 7.16 8.84
C LEU B 78 -19.82 5.82 9.32
N LYS B 79 -21.10 5.55 9.07
CA LYS B 79 -21.69 4.28 9.43
C LYS B 79 -21.97 3.45 8.18
N ILE B 80 -21.56 2.19 8.20
CA ILE B 80 -21.86 1.27 7.10
C ILE B 80 -22.67 0.11 7.66
N SER B 81 -23.96 0.09 7.35
CA SER B 81 -24.83 -0.98 7.86
CA SER B 81 -24.83 -0.97 7.85
C SER B 81 -24.82 -2.19 6.94
N ARG B 82 -25.09 -3.35 7.51
CA ARG B 82 -25.18 -4.61 6.77
C ARG B 82 -24.02 -4.77 5.78
N VAL B 83 -22.81 -4.71 6.30
CA VAL B 83 -21.60 -4.76 5.48
C VAL B 83 -21.59 -5.94 4.51
N GLU B 84 -21.27 -5.63 3.25
CA GLU B 84 -21.13 -6.64 2.21
C GLU B 84 -19.67 -6.71 1.81
N ALA B 85 -19.26 -7.82 1.19
CA ALA B 85 -17.89 -7.98 0.76
C ALA B 85 -17.44 -6.84 -0.16
N GLU B 86 -18.37 -6.32 -0.96
CA GLU B 86 -18.03 -5.26 -1.90
C GLU B 86 -17.68 -3.95 -1.19
N ASP B 87 -17.96 -3.88 0.10
CA ASP B 87 -17.68 -2.67 0.88
C ASP B 87 -16.25 -2.64 1.40
N LEU B 88 -15.54 -3.76 1.26
CA LEU B 88 -14.17 -3.84 1.77
C LEU B 88 -13.22 -2.93 1.00
N GLY B 89 -12.36 -2.24 1.72
CA GLY B 89 -11.43 -1.31 1.11
C GLY B 89 -11.03 -0.25 2.11
N ILE B 90 -10.49 0.85 1.62
CA ILE B 90 -10.01 1.90 2.50
C ILE B 90 -10.90 3.14 2.42
N TYR B 91 -11.39 3.55 3.58
CA TYR B 91 -12.27 4.70 3.71
C TYR B 91 -11.47 5.91 4.17
N TYR B 92 -11.68 7.04 3.51
CA TYR B 92 -11.00 8.27 3.86
C TYR B 92 -12.00 9.37 4.13
N CYS B 93 -11.83 10.08 5.25
CA CYS B 93 -12.51 11.35 5.39
C CYS B 93 -11.64 12.44 4.76
N PHE B 94 -12.25 13.58 4.45
CA PHE B 94 -11.59 14.63 3.69
C PHE B 94 -12.28 15.93 4.02
N GLN B 95 -11.50 16.93 4.42
CA GLN B 95 -12.05 18.28 4.56
C GLN B 95 -11.61 19.17 3.39
N SER B 96 -12.57 19.90 2.84
CA SER B 96 -12.28 20.81 1.74
C SER B 96 -12.62 22.24 2.10
N SER B 97 -12.83 22.49 3.39
CA SER B 97 -13.10 23.85 3.84
C SER B 97 -11.88 24.74 3.75
N HIS B 98 -10.72 24.20 4.14
CA HIS B 98 -9.52 24.99 4.33
C HIS B 98 -8.38 24.49 3.45
N VAL B 99 -7.53 25.41 2.99
CA VAL B 99 -6.34 25.07 2.20
C VAL B 99 -5.12 24.94 3.11
N PRO B 100 -4.36 23.84 2.97
CA PRO B 100 -4.59 22.77 1.99
C PRO B 100 -5.72 21.83 2.36
N LEU B 101 -6.43 21.35 1.35
N LEU B 101 -6.41 21.33 1.34
CA LEU B 101 -7.43 20.33 1.57
CA LEU B 101 -7.43 20.31 1.54
C LEU B 101 -6.70 19.10 2.09
C LEU B 101 -6.75 19.03 2.02
N THR B 102 -7.29 18.41 3.06
CA THR B 102 -6.60 17.29 3.71
C THR B 102 -7.49 16.06 3.95
N PHE B 103 -6.89 14.90 3.73
CA PHE B 103 -7.53 13.60 3.98
C PHE B 103 -7.08 13.03 5.31
N GLY B 104 -7.94 12.20 5.90
CA GLY B 104 -7.51 11.31 6.96
C GLY B 104 -6.61 10.22 6.40
N ALA B 105 -5.95 9.47 7.28
CA ALA B 105 -4.94 8.52 6.84
C ALA B 105 -5.53 7.28 6.20
N GLY B 106 -6.84 7.10 6.37
CA GLY B 106 -7.52 5.96 5.80
C GLY B 106 -7.79 4.87 6.82
N THR B 107 -8.98 4.28 6.75
CA THR B 107 -9.35 3.15 7.61
C THR B 107 -9.63 1.95 6.72
N LYS B 108 -8.92 0.85 6.94
CA LYS B 108 -9.14 -0.36 6.14
C LYS B 108 -10.22 -1.22 6.76
N LEU B 109 -11.33 -1.37 6.04
CA LEU B 109 -12.41 -2.24 6.48
C LEU B 109 -12.04 -3.65 6.04
N GLU B 110 -11.93 -4.56 7.00
CA GLU B 110 -11.45 -5.91 6.74
C GLU B 110 -12.37 -6.93 7.37
N LEU B 111 -12.10 -8.21 7.12
CA LEU B 111 -12.95 -9.27 7.63
C LEU B 111 -12.43 -9.85 8.93
N LYS B 112 -13.36 -10.32 9.75
CA LYS B 112 -13.02 -11.13 10.91
C LYS B 112 -12.82 -12.57 10.49
N GLY B 113 -11.95 -13.28 11.20
CA GLY B 113 -11.74 -14.69 10.95
C GLY B 113 -11.57 -15.39 12.27
N ALA B 114 -11.37 -16.70 12.23
CA ALA B 114 -11.08 -17.45 13.45
C ALA B 114 -9.62 -17.23 13.83
N ASP B 115 -9.37 -17.12 15.14
CA ASP B 115 -8.01 -16.97 15.63
C ASP B 115 -7.13 -18.11 15.14
N ALA B 116 -5.90 -17.78 14.78
CA ALA B 116 -4.94 -18.77 14.34
C ALA B 116 -3.54 -18.28 14.64
N ALA B 117 -2.75 -19.12 15.30
CA ALA B 117 -1.36 -18.81 15.55
C ALA B 117 -0.57 -18.84 14.23
N PRO B 118 0.45 -17.99 14.12
CA PRO B 118 1.26 -18.02 12.90
C PRO B 118 2.08 -19.31 12.80
N THR B 119 2.29 -19.80 11.59
CA THR B 119 3.22 -20.87 11.35
C THR B 119 4.54 -20.20 11.04
N VAL B 120 5.55 -20.43 11.88
CA VAL B 120 6.81 -19.72 11.82
C VAL B 120 7.93 -20.60 11.29
N SER B 121 8.66 -20.09 10.29
CA SER B 121 9.77 -20.81 9.69
C SER B 121 10.95 -19.86 9.54
N ILE B 122 12.14 -20.32 9.93
CA ILE B 122 13.35 -19.51 9.76
C ILE B 122 14.27 -20.21 8.75
N PHE B 123 15.03 -19.42 7.99
CA PHE B 123 15.93 -19.97 6.98
C PHE B 123 17.26 -19.22 7.01
N PRO B 124 18.37 -19.96 7.10
CA PRO B 124 19.69 -19.34 7.03
C PRO B 124 19.99 -18.82 5.63
N PRO B 125 20.99 -17.95 5.51
CA PRO B 125 21.49 -17.59 4.19
C PRO B 125 21.89 -18.83 3.39
N SER B 126 21.58 -18.82 2.09
CA SER B 126 21.99 -19.90 1.21
C SER B 126 23.49 -19.86 0.96
N SER B 127 24.08 -21.02 0.67
CA SER B 127 25.48 -21.05 0.30
C SER B 127 25.76 -20.20 -0.95
N GLU B 128 24.80 -20.17 -1.87
CA GLU B 128 24.93 -19.34 -3.06
C GLU B 128 25.11 -17.86 -2.70
N GLN B 129 24.31 -17.36 -1.78
CA GLN B 129 24.40 -15.95 -1.40
C GLN B 129 25.69 -15.67 -0.65
N LEU B 130 26.08 -16.58 0.23
CA LEU B 130 27.27 -16.38 1.03
C LEU B 130 28.53 -16.27 0.16
N THR B 131 28.57 -17.02 -0.93
CA THR B 131 29.66 -16.94 -1.89
C THR B 131 29.86 -15.51 -2.39
N SER B 132 28.76 -14.75 -2.43
CA SER B 132 28.79 -13.39 -2.96
C SER B 132 28.98 -12.32 -1.88
N GLY B 133 29.17 -12.75 -0.65
CA GLY B 133 29.46 -11.82 0.44
C GLY B 133 28.25 -11.27 1.18
N GLY B 134 27.06 -11.75 0.83
CA GLY B 134 25.85 -11.32 1.51
C GLY B 134 25.26 -12.42 2.37
N ALA B 135 24.40 -12.02 3.30
CA ALA B 135 23.78 -12.96 4.23
C ALA B 135 22.41 -12.47 4.67
N SER B 136 21.37 -12.95 3.99
CA SER B 136 20.01 -12.64 4.36
C SER B 136 19.42 -13.79 5.15
N VAL B 137 18.87 -13.48 6.31
CA VAL B 137 18.18 -14.46 7.12
C VAL B 137 16.68 -14.19 7.00
N VAL B 138 15.91 -15.21 6.63
CA VAL B 138 14.49 -15.00 6.36
C VAL B 138 13.59 -15.72 7.35
N CYS B 139 12.54 -15.04 7.77
CA CYS B 139 11.55 -15.66 8.64
C CYS B 139 10.17 -15.45 8.06
N PHE B 140 9.41 -16.53 7.90
CA PHE B 140 8.00 -16.43 7.47
C PHE B 140 7.12 -16.62 8.67
N LEU B 141 6.10 -15.77 8.78
CA LEU B 141 5.09 -15.92 9.82
C LEU B 141 3.77 -15.98 9.07
N ASN B 142 3.28 -17.20 8.87
CA ASN B 142 2.23 -17.43 7.89
C ASN B 142 0.86 -17.78 8.47
N ASN B 143 -0.16 -17.27 7.79
CA ASN B 143 -1.56 -17.65 8.03
C ASN B 143 -2.02 -17.47 9.48
N PHE B 144 -1.90 -16.25 9.98
CA PHE B 144 -2.32 -15.96 11.35
C PHE B 144 -3.51 -15.00 11.41
N TYR B 145 -4.23 -15.04 12.52
CA TYR B 145 -5.32 -14.11 12.81
C TYR B 145 -5.49 -14.03 14.33
N PRO B 146 -5.64 -12.82 14.89
CA PRO B 146 -5.78 -11.52 14.22
C PRO B 146 -4.49 -10.92 13.68
N LYS B 147 -4.65 -9.74 13.11
CA LYS B 147 -3.63 -9.04 12.35
C LYS B 147 -2.39 -8.64 13.15
N ASP B 148 -2.58 -8.21 14.40
CA ASP B 148 -1.45 -7.74 15.20
C ASP B 148 -0.50 -8.86 15.57
N ILE B 149 0.80 -8.56 15.54
CA ILE B 149 1.84 -9.55 15.83
C ILE B 149 3.13 -8.81 16.15
N ASN B 150 3.93 -9.38 17.06
CA ASN B 150 5.22 -8.81 17.41
CA ASN B 150 5.22 -8.82 17.41
C ASN B 150 6.34 -9.77 17.02
N VAL B 151 7.20 -9.31 16.13
CA VAL B 151 8.29 -10.14 15.66
C VAL B 151 9.62 -9.52 16.08
N LYS B 152 10.49 -10.36 16.64
CA LYS B 152 11.82 -9.95 17.06
C LYS B 152 12.89 -10.88 16.48
N TRP B 153 14.01 -10.30 16.07
CA TRP B 153 15.20 -11.08 15.75
C TRP B 153 16.13 -11.06 16.93
N LYS B 154 16.72 -12.20 17.24
CA LYS B 154 17.74 -12.26 18.27
C LYS B 154 18.96 -12.94 17.70
N ILE B 155 20.13 -12.40 18.06
CA ILE B 155 21.40 -12.94 17.62
C ILE B 155 22.20 -13.19 18.88
N ASP B 156 22.64 -14.43 19.07
CA ASP B 156 23.27 -14.85 20.33
C ASP B 156 22.43 -14.38 21.51
N GLY B 157 21.11 -14.46 21.35
CA GLY B 157 20.18 -14.18 22.43
C GLY B 157 19.81 -12.72 22.64
N SER B 158 20.45 -11.82 21.90
CA SER B 158 20.18 -10.38 22.03
C SER B 158 19.40 -9.82 20.84
N GLU B 159 18.44 -8.96 21.14
CA GLU B 159 17.63 -8.34 20.10
CA GLU B 159 17.62 -8.31 20.11
C GLU B 159 18.48 -7.59 19.07
N ARG B 160 18.08 -7.74 17.80
CA ARG B 160 18.71 -7.05 16.67
C ARG B 160 17.66 -6.24 15.94
N GLN B 161 17.80 -4.93 15.95
CA GLN B 161 16.82 -4.05 15.32
C GLN B 161 17.24 -3.62 13.91
N ASN B 162 18.53 -3.41 13.71
CA ASN B 162 19.00 -2.90 12.41
C ASN B 162 19.08 -3.97 11.33
N GLY B 163 18.74 -3.58 10.10
CA GLY B 163 18.85 -4.45 8.96
C GLY B 163 17.64 -5.31 8.71
N VAL B 164 16.53 -5.02 9.40
CA VAL B 164 15.32 -5.81 9.29
C VAL B 164 14.28 -5.12 8.42
N LEU B 165 13.75 -5.84 7.44
CA LEU B 165 12.65 -5.34 6.63
C LEU B 165 11.51 -6.36 6.63
N ASN B 166 10.30 -5.85 6.84
CA ASN B 166 9.12 -6.68 6.91
C ASN B 166 8.20 -6.47 5.71
N SER B 167 7.47 -7.50 5.33
CA SER B 167 6.48 -7.37 4.26
C SER B 167 5.23 -8.17 4.61
N TRP B 168 4.06 -7.61 4.30
CA TRP B 168 2.79 -8.23 4.65
CA TRP B 168 2.79 -8.23 4.65
C TRP B 168 1.94 -8.51 3.41
N THR B 169 1.30 -9.67 3.39
CA THR B 169 0.33 -9.97 2.34
C THR B 169 -1.01 -9.33 2.68
N ASP B 170 -1.83 -9.12 1.65
CA ASP B 170 -3.18 -8.65 1.88
C ASP B 170 -3.93 -9.75 2.61
N GLN B 171 -4.98 -9.39 3.35
CA GLN B 171 -5.80 -10.40 4.00
C GLN B 171 -6.23 -11.45 2.97
N ASP B 172 -6.10 -12.72 3.34
CA ASP B 172 -6.43 -13.81 2.43
C ASP B 172 -7.93 -13.84 2.16
N SER B 173 -8.31 -13.88 0.88
CA SER B 173 -9.72 -13.82 0.49
C SER B 173 -10.48 -15.11 0.81
N LYS B 174 -9.76 -16.14 1.24
CA LYS B 174 -10.38 -17.43 1.53
C LYS B 174 -10.57 -17.66 3.04
N ASP B 175 -9.47 -17.63 3.78
CA ASP B 175 -9.52 -17.92 5.22
C ASP B 175 -9.37 -16.67 6.09
N SER B 176 -9.21 -15.51 5.45
CA SER B 176 -9.16 -14.24 6.15
C SER B 176 -7.93 -14.06 7.04
N THR B 177 -6.91 -14.89 6.81
CA THR B 177 -5.67 -14.77 7.58
C THR B 177 -4.70 -13.78 6.98
N TYR B 178 -3.65 -13.51 7.73
CA TYR B 178 -2.56 -12.67 7.27
C TYR B 178 -1.28 -13.45 7.27
N SER B 179 -0.33 -13.03 6.42
CA SER B 179 1.01 -13.59 6.46
C SER B 179 2.02 -12.46 6.37
N MET B 180 3.22 -12.71 6.90
CA MET B 180 4.28 -11.73 6.79
C MET B 180 5.65 -12.38 6.67
N SER B 181 6.55 -11.68 6.01
CA SER B 181 7.95 -12.07 5.99
C SER B 181 8.74 -11.04 6.74
N SER B 182 9.79 -11.50 7.42
CA SER B 182 10.74 -10.62 8.07
C SER B 182 12.11 -11.05 7.60
N THR B 183 12.88 -10.11 7.10
CA THR B 183 14.19 -10.41 6.52
C THR B 183 15.27 -9.57 7.17
N LEU B 184 16.26 -10.27 7.74
CA LEU B 184 17.42 -9.63 8.35
C LEU B 184 18.57 -9.71 7.38
N THR B 185 19.03 -8.56 6.88
CA THR B 185 20.11 -8.56 5.89
C THR B 185 21.41 -8.11 6.53
N LEU B 186 22.42 -8.99 6.48
CA LEU B 186 23.74 -8.72 7.03
C LEU B 186 24.78 -8.86 5.93
N THR B 187 25.97 -8.29 6.16
CA THR B 187 27.13 -8.68 5.37
C THR B 187 27.57 -10.06 5.86
N LYS B 188 28.27 -10.81 5.02
CA LYS B 188 28.82 -12.09 5.49
C LYS B 188 29.73 -11.89 6.70
N ASP B 189 30.54 -10.83 6.70
CA ASP B 189 31.40 -10.54 7.85
C ASP B 189 30.59 -10.43 9.14
N GLU B 190 29.49 -9.68 9.10
CA GLU B 190 28.60 -9.53 10.25
C GLU B 190 27.99 -10.87 10.65
N TYR B 191 27.50 -11.60 9.66
CA TYR B 191 26.90 -12.90 9.89
C TYR B 191 27.86 -13.84 10.61
N GLU B 192 29.14 -13.79 10.23
CA GLU B 192 30.12 -14.73 10.78
C GLU B 192 30.65 -14.31 12.15
N ARG B 193 30.13 -13.22 12.69
CA ARG B 193 30.52 -12.77 14.03
C ARG B 193 29.66 -13.40 15.11
N HIS B 194 28.62 -14.12 14.71
CA HIS B 194 27.71 -14.74 15.66
CA HIS B 194 27.70 -14.74 15.65
C HIS B 194 27.21 -16.09 15.17
N ASN B 195 26.79 -16.95 16.09
CA ASN B 195 26.39 -18.29 15.71
C ASN B 195 24.90 -18.58 15.81
N SER B 196 24.23 -18.03 16.82
CA SER B 196 22.83 -18.36 17.03
CA SER B 196 22.84 -18.34 17.07
C SER B 196 21.89 -17.29 16.50
N TYR B 197 20.95 -17.73 15.66
CA TYR B 197 19.99 -16.81 15.04
C TYR B 197 18.58 -17.24 15.33
N THR B 198 17.76 -16.30 15.79
CA THR B 198 16.42 -16.62 16.23
C THR B 198 15.39 -15.64 15.71
N CYS B 199 14.26 -16.17 15.26
CA CYS B 199 13.09 -15.38 14.90
C CYS B 199 12.03 -15.72 15.94
N GLU B 200 11.51 -14.69 16.61
CA GLU B 200 10.59 -14.88 17.72
C GLU B 200 9.30 -14.12 17.47
N ALA B 201 8.17 -14.82 17.54
CA ALA B 201 6.88 -14.21 17.29
C ALA B 201 5.99 -14.28 18.52
N THR B 202 5.43 -13.15 18.90
CA THR B 202 4.42 -13.13 19.96
C THR B 202 3.11 -12.70 19.35
N HIS B 203 2.05 -13.45 19.64
CA HIS B 203 0.75 -13.26 19.02
C HIS B 203 -0.31 -13.57 20.09
N LYS B 204 -1.47 -12.94 19.99
CA LYS B 204 -2.48 -13.04 21.05
C LYS B 204 -2.96 -14.47 21.29
N THR B 205 -2.76 -15.34 20.31
CA THR B 205 -3.16 -16.74 20.43
C THR B 205 -2.40 -17.49 21.52
N SER B 206 -1.31 -16.92 22.02
CA SER B 206 -0.62 -17.58 23.13
C SER B 206 0.23 -16.62 23.95
N THR B 207 0.30 -16.89 25.25
CA THR B 207 1.15 -16.15 26.18
C THR B 207 2.63 -16.48 25.97
N SER B 208 2.89 -17.58 25.28
CA SER B 208 4.27 -17.99 25.02
C SER B 208 4.68 -17.63 23.60
N PRO B 209 5.88 -17.08 23.45
CA PRO B 209 6.36 -16.76 22.10
C PRO B 209 6.60 -18.02 21.30
N ILE B 210 6.48 -17.91 19.98
CA ILE B 210 6.92 -18.97 19.09
C ILE B 210 8.34 -18.64 18.67
N VAL B 211 9.24 -19.59 18.89
CA VAL B 211 10.67 -19.37 18.71
C VAL B 211 11.25 -20.37 17.73
N LYS B 212 11.82 -19.85 16.64
CA LYS B 212 12.50 -20.68 15.66
CA LYS B 212 12.50 -20.69 15.66
C LYS B 212 13.94 -20.21 15.52
N SER B 213 14.88 -21.13 15.57
CA SER B 213 16.29 -20.78 15.58
CA SER B 213 16.28 -20.76 15.55
C SER B 213 17.13 -21.71 14.71
N PHE B 214 18.34 -21.27 14.40
CA PHE B 214 19.33 -22.15 13.83
C PHE B 214 20.70 -21.72 14.31
N ASN B 215 21.64 -22.65 14.25
CA ASN B 215 23.04 -22.35 14.55
C ASN B 215 23.85 -22.36 13.26
N ARG B 216 24.60 -21.29 13.02
CA ARG B 216 25.33 -21.15 11.77
C ARG B 216 26.30 -22.30 11.55
N ASN B 217 26.96 -22.72 12.62
CA ASN B 217 28.07 -23.68 12.49
C ASN B 217 27.61 -25.07 12.11
N GLU B 218 26.29 -25.30 12.19
CA GLU B 218 25.73 -26.58 11.81
C GLU B 218 25.31 -26.60 10.34
N CYS B 219 25.29 -25.42 9.73
CA CYS B 219 24.81 -25.29 8.35
C CYS B 219 25.80 -25.85 7.34
N ALA C 2 -6.58 29.87 5.66
CA ALA C 2 -6.94 30.07 4.26
C ALA C 2 -8.11 29.18 3.87
N GLU C 3 -9.19 29.79 3.40
CA GLU C 3 -10.39 29.05 3.01
C GLU C 3 -10.35 28.68 1.54
N PHE C 4 -10.83 27.48 1.22
CA PHE C 4 -10.96 27.05 -0.16
C PHE C 4 -12.24 27.62 -0.74
N ARG C 5 -12.33 27.63 -2.07
CA ARG C 5 -13.47 28.21 -2.76
C ARG C 5 -14.71 27.32 -2.70
N HIS C 6 -15.83 27.89 -2.23
CA HIS C 6 -17.10 27.20 -2.21
C HIS C 6 -18.24 28.19 -2.48
N ASP C 7 -18.40 28.58 -3.74
CA ASP C 7 -19.43 29.54 -4.12
C ASP C 7 -20.80 28.88 -4.26
#